data_4HBG
#
_entry.id   4HBG
#
_cell.length_a   50.800
_cell.length_b   50.800
_cell.length_c   415.041
_cell.angle_alpha   90.00
_cell.angle_beta   90.00
_cell.angle_gamma   120.00
#
_symmetry.space_group_name_H-M   'P 61 2 2'
#
loop_
_entity.id
_entity.type
_entity.pdbx_description
1 polymer '3-oxoacyl-[acyl-carrier-protein] reductase'
2 non-polymer 'NADPH DIHYDRO-NICOTINAMIDE-ADENINE-DINUCLEOTIDE PHOSPHATE'
3 water water
#
_entity_poly.entity_id   1
_entity_poly.type   'polypeptide(L)'
_entity_poly.pdbx_seq_one_letter_code
;MHYLPVAIVTGATRGIGKAICQKLFQKGLSCIILGSTKESIERTAIDRGQLQSGLSYQRQCAIAIDFKKWPHWLDYESYD
GIEYFKDRPPLKQKYSTLFDPCNKWSNNERRYYVNLLINCAGLTQESLSVRTTASQIQDIMNVNFMSPVTMTNICIKYMM
KSQRRWPELSGQSARPTIVNISSILHSGKMKVPGTSVYSASKAALSRFTEVLAAEMEPRNIRCFTISPGLVKGTDMIQNL
PVEAKEMLERTIGASGTSAPAEIAEEVWSLYSRTALETLEHHHHHH
;
_entity_poly.pdbx_strand_id   A
#
# COMPACT_ATOMS: atom_id res chain seq x y z
N MET A 1 9.89 12.80 24.27
CA MET A 1 10.05 12.19 22.92
C MET A 1 8.97 12.64 21.96
N HIS A 2 9.39 12.97 20.74
CA HIS A 2 8.45 13.25 19.66
C HIS A 2 8.31 12.01 18.78
N TYR A 3 7.11 11.45 18.76
CA TYR A 3 6.81 10.33 17.89
C TYR A 3 6.20 10.85 16.59
N LEU A 4 6.78 10.42 15.48
CA LEU A 4 6.40 10.93 14.17
C LEU A 4 5.91 9.80 13.27
N PRO A 5 4.62 9.84 12.92
CA PRO A 5 3.98 8.80 12.14
C PRO A 5 4.54 8.67 10.72
N VAL A 6 4.79 7.42 10.30
CA VAL A 6 5.18 7.10 8.93
C VAL A 6 4.16 6.16 8.26
N ALA A 7 3.96 6.35 6.97
CA ALA A 7 3.07 5.49 6.19
C ALA A 7 3.86 4.70 5.17
N ILE A 8 3.51 3.41 5.04
CA ILE A 8 4.00 2.59 3.95
C ILE A 8 2.89 2.51 2.90
N VAL A 9 3.22 2.87 1.66
CA VAL A 9 2.26 2.85 0.58
C VAL A 9 2.86 2.01 -0.54
N THR A 10 2.33 0.82 -0.74
CA THR A 10 2.70 0.03 -1.90
C THR A 10 2.03 0.63 -3.14
N GLY A 11 2.53 0.27 -4.32
CA GLY A 11 1.97 0.71 -5.59
C GLY A 11 1.90 2.22 -5.71
N ALA A 12 2.93 2.89 -5.21
CA ALA A 12 2.89 4.34 -5.06
C ALA A 12 3.80 5.08 -6.04
N THR A 13 4.46 4.33 -6.92
CA THR A 13 5.30 4.92 -7.97
C THR A 13 4.48 5.68 -9.03
N ARG A 14 3.18 5.43 -9.09
CA ARG A 14 2.30 6.07 -10.09
C ARG A 14 0.86 5.74 -9.74
N GLY A 15 -0.08 6.29 -10.51
CA GLY A 15 -1.49 5.98 -10.34
C GLY A 15 -2.04 6.35 -8.98
N ILE A 16 -3.04 5.58 -8.52
CA ILE A 16 -3.74 5.87 -7.26
C ILE A 16 -2.80 5.95 -6.06
N GLY A 17 -1.87 5.00 -5.97
CA GLY A 17 -0.87 4.97 -4.90
C GLY A 17 -0.03 6.23 -4.82
N LYS A 18 0.18 6.89 -5.96
CA LYS A 18 0.92 8.16 -5.99
C LYS A 18 0.08 9.29 -5.40
N ALA A 19 -1.21 9.33 -5.74
CA ALA A 19 -2.14 10.31 -5.16
C ALA A 19 -2.21 10.16 -3.64
N ILE A 20 -2.38 8.92 -3.18
CA ILE A 20 -2.51 8.62 -1.76
C ILE A 20 -1.30 9.14 -0.99
N CYS A 21 -0.12 8.94 -1.55
CA CYS A 21 1.12 9.34 -0.92
C CYS A 21 1.26 10.86 -0.82
N GLN A 22 0.89 11.56 -1.89
CA GLN A 22 0.92 13.02 -1.93
C GLN A 22 0.02 13.62 -0.85
N LYS A 23 -1.19 13.08 -0.73
CA LYS A 23 -2.11 13.46 0.34
C LYS A 23 -1.49 13.31 1.72
N LEU A 24 -0.96 12.12 1.99
CA LEU A 24 -0.42 11.81 3.31
C LEU A 24 0.73 12.72 3.70
N PHE A 25 1.56 13.06 2.72
CA PHE A 25 2.68 13.96 2.93
C PHE A 25 2.15 15.37 3.15
N GLN A 26 1.16 15.77 2.34
CA GLN A 26 0.51 17.04 2.51
C GLN A 26 -0.06 17.13 3.92
N LYS A 27 -0.50 16.01 4.48
CA LYS A 27 -1.15 15.98 5.79
C LYS A 27 -0.20 15.69 6.97
N GLY A 28 1.09 15.66 6.71
CA GLY A 28 2.08 15.62 7.80
C GLY A 28 2.79 14.32 8.09
N LEU A 29 2.54 13.27 7.32
CA LEU A 29 3.22 11.99 7.56
C LEU A 29 4.48 11.89 6.72
N SER A 30 5.46 11.13 7.22
CA SER A 30 6.59 10.71 6.40
C SER A 30 6.21 9.46 5.57
N CYS A 31 6.80 9.28 4.40
CA CYS A 31 6.35 8.20 3.52
C CYS A 31 7.44 7.22 3.16
N ILE A 32 7.13 5.93 3.26
CA ILE A 32 7.94 4.88 2.68
C ILE A 32 7.13 4.26 1.54
N ILE A 33 7.63 4.45 0.33
CA ILE A 33 6.92 4.07 -0.89
C ILE A 33 7.51 2.78 -1.44
N LEU A 34 6.66 1.91 -1.98
CA LEU A 34 7.14 0.70 -2.62
C LEU A 34 6.89 0.72 -4.11
N GLY A 35 7.89 0.21 -4.82
CA GLY A 35 7.80 -0.03 -6.24
C GLY A 35 8.32 -1.42 -6.45
N SER A 36 8.26 -1.88 -7.70
CA SER A 36 8.67 -3.26 -8.04
C SER A 36 10.15 -3.44 -8.41
N THR A 37 10.79 -2.37 -8.91
CA THR A 37 12.19 -2.45 -9.37
C THR A 37 13.06 -1.30 -8.86
N LYS A 38 14.37 -1.44 -9.02
CA LYS A 38 15.32 -0.35 -8.79
C LYS A 38 15.05 0.81 -9.73
N GLU A 39 14.70 0.49 -10.98
CA GLU A 39 14.44 1.47 -12.01
C GLU A 39 13.20 2.31 -11.75
N SER A 40 12.11 1.65 -11.31
CA SER A 40 10.84 2.37 -11.11
C SER A 40 10.90 3.28 -9.89
N ILE A 41 11.63 2.89 -8.86
CA ILE A 41 11.83 3.75 -7.70
C ILE A 41 12.84 4.87 -7.96
N GLU A 42 13.79 4.63 -8.86
CA GLU A 42 14.66 5.70 -9.33
C GLU A 42 13.84 6.73 -10.10
N ARG A 43 12.84 6.26 -10.84
CA ARG A 43 11.97 7.13 -11.63
C ARG A 43 11.09 8.04 -10.78
N THR A 44 10.54 7.51 -9.68
CA THR A 44 9.70 8.33 -8.80
C THR A 44 10.53 9.41 -8.11
N ALA A 45 11.72 9.01 -7.66
CA ALA A 45 12.62 9.88 -6.91
C ALA A 45 12.98 11.20 -7.64
N ILE A 46 12.56 11.32 -8.89
CA ILE A 46 12.63 12.58 -9.65
C ILE A 46 11.36 12.78 -10.48
N GLN A 52 6.52 19.62 -3.40
CA GLN A 52 6.64 18.63 -2.31
C GLN A 52 7.38 19.20 -1.08
N SER A 53 7.10 20.45 -0.74
CA SER A 53 7.69 21.09 0.45
C SER A 53 6.80 20.92 1.69
N GLY A 54 7.34 20.27 2.72
CA GLY A 54 6.60 19.98 3.95
C GLY A 54 7.39 20.43 5.17
N LEU A 55 7.02 19.91 6.34
CA LEU A 55 7.73 20.27 7.59
C LEU A 55 9.14 19.71 7.57
N SER A 56 10.06 20.35 8.30
CA SER A 56 11.49 20.02 8.20
C SER A 56 11.81 18.56 8.57
N TYR A 57 11.02 18.02 9.50
CA TYR A 57 11.19 16.65 9.98
C TYR A 57 10.56 15.56 9.11
N GLN A 58 9.73 15.96 8.14
CA GLN A 58 9.15 15.00 7.19
C GLN A 58 10.22 14.37 6.29
N ARG A 59 10.04 13.09 5.98
CA ARG A 59 11.00 12.34 5.19
C ARG A 59 10.29 11.49 4.14
N GLN A 60 10.99 11.20 3.03
CA GLN A 60 10.44 10.27 2.05
C GLN A 60 11.52 9.34 1.51
N CYS A 61 11.16 8.07 1.37
CA CYS A 61 12.02 7.13 0.70
C CYS A 61 11.21 6.11 -0.10
N ALA A 62 11.91 5.36 -0.93
CA ALA A 62 11.31 4.33 -1.77
C ALA A 62 12.11 3.05 -1.68
N ILE A 63 11.41 1.91 -1.67
CA ILE A 63 12.03 0.59 -1.59
C ILE A 63 11.57 -0.29 -2.74
N ALA A 64 12.48 -1.06 -3.31
CA ALA A 64 12.15 -1.91 -4.45
C ALA A 64 11.85 -3.35 -4.03
N ILE A 65 10.58 -3.75 -4.10
CA ILE A 65 10.21 -5.14 -3.87
C ILE A 65 9.32 -5.65 -4.98
N ASP A 66 9.76 -6.71 -5.64
CA ASP A 66 8.97 -7.35 -6.68
C ASP A 66 8.00 -8.32 -6.05
N PHE A 67 6.72 -7.99 -6.13
CA PHE A 67 5.68 -8.80 -5.50
C PHE A 67 5.39 -10.12 -6.23
N LYS A 68 5.86 -10.25 -7.47
CA LYS A 68 5.79 -11.54 -8.17
C LYS A 68 6.67 -12.56 -7.46
N LYS A 69 7.80 -12.13 -6.91
CA LYS A 69 8.73 -13.05 -6.25
C LYS A 69 8.26 -13.51 -4.86
N TRP A 70 6.94 -13.50 -4.62
CA TRP A 70 6.39 -14.06 -3.38
C TRP A 70 6.43 -15.59 -3.46
N PRO A 71 6.87 -16.27 -2.37
CA PRO A 71 7.22 -15.75 -1.05
C PRO A 71 8.70 -15.47 -0.78
N HIS A 72 9.55 -15.52 -1.80
CA HIS A 72 10.99 -15.39 -1.59
C HIS A 72 11.41 -14.02 -1.03
N TRP A 73 10.68 -12.96 -1.40
CA TRP A 73 11.04 -11.60 -0.99
C TRP A 73 10.93 -11.37 0.53
N LEU A 74 10.20 -12.23 1.21
CA LEU A 74 10.14 -12.23 2.66
C LEU A 74 11.51 -12.50 3.27
N ASP A 75 12.42 -13.08 2.49
CA ASP A 75 13.67 -13.62 3.02
C ASP A 75 14.92 -12.88 2.55
N TYR A 76 14.75 -11.91 1.66
CA TYR A 76 15.87 -11.06 1.23
C TYR A 76 16.53 -10.43 2.45
N GLU A 77 17.85 -10.44 2.49
CA GLU A 77 18.60 -9.90 3.64
C GLU A 77 18.48 -8.37 3.69
N SER A 78 18.60 -7.74 2.52
CA SER A 78 18.43 -6.31 2.42
C SER A 78 17.51 -5.97 1.25
N TYR A 79 17.11 -4.72 1.16
CA TYR A 79 16.34 -4.25 0.02
C TYR A 79 17.00 -3.00 -0.52
N ASP A 80 17.01 -2.86 -1.84
CA ASP A 80 17.46 -1.62 -2.45
C ASP A 80 16.41 -0.56 -2.19
N GLY A 81 16.88 0.62 -1.78
CA GLY A 81 16.05 1.77 -1.53
C GLY A 81 16.73 3.08 -1.92
N ILE A 82 15.95 4.14 -1.96
CA ILE A 82 16.44 5.47 -2.28
C ILE A 82 15.71 6.46 -1.38
N GLU A 83 16.45 7.36 -0.73
CA GLU A 83 15.81 8.49 -0.05
C GLU A 83 15.83 9.69 -0.97
N TYR A 84 14.68 10.36 -1.11
CA TYR A 84 14.61 11.57 -1.94
C TYR A 84 14.10 12.81 -1.21
N PHE A 85 14.35 13.96 -1.84
CA PHE A 85 14.27 15.27 -1.17
C PHE A 85 13.69 16.32 -2.08
N LYS A 86 13.23 17.42 -1.47
CA LYS A 86 12.92 18.64 -2.18
C LYS A 86 14.22 19.41 -2.26
N ASP A 87 14.71 19.62 -3.47
CA ASP A 87 15.87 20.50 -3.67
C ASP A 87 17.22 19.88 -3.27
N ARG A 88 17.30 18.55 -3.25
CA ARG A 88 18.53 17.85 -2.92
C ARG A 88 18.47 16.50 -3.60
N PRO A 89 19.56 16.06 -4.26
CA PRO A 89 19.52 14.87 -5.11
C PRO A 89 19.26 13.56 -4.35
N PRO A 90 18.65 12.58 -5.03
CA PRO A 90 18.35 11.25 -4.47
C PRO A 90 19.54 10.52 -3.84
N LEU A 91 19.28 9.82 -2.74
CA LEU A 91 20.32 9.12 -1.98
C LEU A 91 20.10 7.61 -2.02
N LYS A 92 21.03 6.90 -2.67
CA LYS A 92 21.03 5.44 -2.67
C LYS A 92 21.09 4.88 -1.26
N GLN A 93 20.21 3.93 -0.97
CA GLN A 93 20.15 3.29 0.33
C GLN A 93 20.04 1.78 0.20
N LYS A 94 20.48 1.06 1.22
CA LYS A 94 20.19 -0.34 1.38
C LYS A 94 19.52 -0.47 2.75
N TYR A 95 18.27 -0.95 2.75
CA TYR A 95 17.47 -1.09 4.00
C TYR A 95 17.32 -2.56 4.40
N SER A 96 17.58 -2.85 5.67
CA SER A 96 17.52 -4.24 6.16
C SER A 96 16.09 -4.79 6.31
N THR A 97 15.14 -3.91 6.61
CA THR A 97 13.72 -4.25 6.67
C THR A 97 12.91 -3.07 6.12
N LEU A 98 11.59 -3.25 6.08
CA LEU A 98 10.68 -2.19 5.68
C LEU A 98 10.66 -1.04 6.69
N PHE A 99 11.07 -1.32 7.92
CA PHE A 99 11.03 -0.33 8.97
C PHE A 99 12.41 0.27 9.23
N ASP A 100 13.42 -0.20 8.49
CA ASP A 100 14.76 0.34 8.58
C ASP A 100 14.84 1.86 8.32
N PRO A 101 14.04 2.40 7.37
CA PRO A 101 14.08 3.86 7.19
C PRO A 101 13.69 4.65 8.46
N CYS A 102 12.73 4.15 9.22
CA CYS A 102 12.34 4.77 10.49
C CYS A 102 13.48 4.83 11.49
N ASN A 103 14.25 3.75 11.57
CA ASN A 103 15.41 3.66 12.47
C ASN A 103 16.44 4.72 12.14
N LYS A 104 16.65 4.93 10.84
CA LYS A 104 17.68 5.84 10.35
C LYS A 104 17.28 7.30 10.48
N TRP A 105 15.96 7.56 10.47
CA TRP A 105 15.44 8.91 10.63
C TRP A 105 15.37 9.35 12.10
N SER A 106 15.21 8.38 12.99
CA SER A 106 15.09 8.66 14.43
C SER A 106 16.42 9.05 15.04
N ASN A 107 16.31 10.02 15.95
CA ASN A 107 17.40 10.69 16.66
C ASN A 107 16.96 11.03 18.08
N ASN A 108 17.92 11.35 18.94
CA ASN A 108 17.72 11.45 20.38
C ASN A 108 16.39 12.12 20.74
N GLU A 109 15.92 13.02 19.87
CA GLU A 109 14.72 13.83 20.13
C GLU A 109 13.48 13.27 19.40
N ARG A 110 13.71 12.50 18.34
CA ARG A 110 12.64 12.09 17.45
C ARG A 110 12.56 10.58 17.23
N ARG A 111 11.34 10.07 17.24
CA ARG A 111 11.08 8.66 16.95
C ARG A 111 10.12 8.53 15.78
N TYR A 112 10.63 8.07 14.64
CA TYR A 112 9.81 7.77 13.49
C TYR A 112 9.30 6.33 13.61
N TYR A 113 8.02 6.14 13.32
CA TYR A 113 7.40 4.82 13.39
C TYR A 113 6.23 4.69 12.40
N VAL A 114 6.06 3.49 11.83
CA VAL A 114 4.97 3.22 10.90
C VAL A 114 3.63 3.08 11.64
N ASN A 115 2.63 3.80 11.16
CA ASN A 115 1.30 3.78 11.78
C ASN A 115 0.20 3.55 10.76
N LEU A 116 0.60 3.46 9.50
CA LEU A 116 -0.32 3.34 8.39
C LEU A 116 0.33 2.55 7.25
N LEU A 117 -0.40 1.55 6.76
CA LEU A 117 0.03 0.76 5.62
C LEU A 117 -1.07 0.81 4.58
N ILE A 118 -0.74 1.22 3.36
CA ILE A 118 -1.67 1.14 2.25
C ILE A 118 -1.21 0.06 1.25
N ASN A 119 -2.02 -0.99 1.06
CA ASN A 119 -1.76 -1.94 -0.02
C ASN A 119 -2.51 -1.49 -1.26
N CYS A 120 -1.75 -0.95 -2.22
CA CYS A 120 -2.32 -0.33 -3.38
C CYS A 120 -1.70 -0.92 -4.62
N ALA A 121 -0.63 -1.69 -4.45
CA ALA A 121 0.02 -2.33 -5.60
C ALA A 121 -0.96 -3.29 -6.28
N GLY A 122 -1.05 -3.20 -7.61
CA GLY A 122 -2.00 -4.00 -8.33
C GLY A 122 -1.57 -4.39 -9.72
N LEU A 123 -1.83 -5.64 -10.06
CA LEU A 123 -1.62 -6.15 -11.39
C LEU A 123 -3.00 -6.42 -12.00
N THR A 124 -3.14 -6.12 -13.29
CA THR A 124 -4.42 -6.29 -13.97
C THR A 124 -4.50 -7.59 -14.78
N GLN A 125 -5.70 -7.86 -15.31
CA GLN A 125 -5.95 -8.97 -16.20
C GLN A 125 -6.79 -8.47 -17.35
N GLU A 126 -6.50 -8.94 -18.57
CA GLU A 126 -7.30 -8.58 -19.74
C GLU A 126 -7.59 -9.78 -20.65
N SER A 127 -7.57 -10.98 -20.08
CA SER A 127 -7.78 -12.21 -20.86
C SER A 127 -8.85 -13.10 -20.23
N LEU A 128 -9.57 -13.84 -21.08
CA LEU A 128 -10.53 -14.86 -20.64
C LEU A 128 -9.83 -15.91 -19.79
N SER A 129 -10.57 -16.47 -18.83
CA SER A 129 -10.02 -17.45 -17.91
C SER A 129 -9.26 -18.56 -18.65
N VAL A 130 -9.95 -19.21 -19.58
CA VAL A 130 -9.38 -20.30 -20.37
C VAL A 130 -8.17 -19.86 -21.24
N ARG A 131 -8.00 -18.55 -21.43
CA ARG A 131 -6.87 -18.04 -22.23
C ARG A 131 -5.79 -17.33 -21.37
N THR A 132 -5.81 -17.62 -20.07
CA THR A 132 -4.86 -17.03 -19.12
C THR A 132 -3.97 -18.13 -18.59
N THR A 133 -2.66 -18.01 -18.77
CA THR A 133 -1.73 -19.07 -18.36
C THR A 133 -1.62 -19.15 -16.84
N ALA A 134 -1.01 -20.23 -16.36
CA ALA A 134 -0.80 -20.50 -14.93
C ALA A 134 0.12 -19.48 -14.25
N SER A 135 1.17 -19.07 -14.94
CA SER A 135 2.10 -18.09 -14.38
C SER A 135 1.45 -16.72 -14.26
N GLN A 136 0.62 -16.34 -15.24
CA GLN A 136 -0.17 -15.11 -15.20
C GLN A 136 -1.09 -15.06 -13.97
N ILE A 137 -1.76 -16.18 -13.71
CA ILE A 137 -2.61 -16.32 -12.55
C ILE A 137 -1.76 -16.26 -11.27
N GLN A 138 -0.58 -16.86 -11.31
CA GLN A 138 0.36 -16.81 -10.19
C GLN A 138 0.85 -15.39 -9.91
N ASP A 139 1.19 -14.65 -10.97
CA ASP A 139 1.63 -13.25 -10.84
C ASP A 139 0.53 -12.39 -10.24
N ILE A 140 -0.69 -12.54 -10.75
CA ILE A 140 -1.82 -11.73 -10.30
C ILE A 140 -2.10 -11.94 -8.82
N MET A 141 -2.11 -13.20 -8.38
CA MET A 141 -2.41 -13.52 -7.00
C MET A 141 -1.27 -13.16 -6.05
N ASN A 142 -0.03 -13.28 -6.52
CA ASN A 142 1.13 -12.92 -5.71
C ASN A 142 1.23 -11.41 -5.49
N VAL A 143 0.87 -10.63 -6.51
CA VAL A 143 0.94 -9.17 -6.41
C VAL A 143 -0.29 -8.62 -5.71
N ASN A 144 -1.47 -9.10 -6.12
CA ASN A 144 -2.73 -8.55 -5.62
C ASN A 144 -3.18 -9.10 -4.28
N PHE A 145 -2.73 -10.29 -3.93
CA PHE A 145 -3.21 -10.92 -2.70
C PHE A 145 -2.18 -11.45 -1.71
N MET A 146 -1.30 -12.33 -2.16
CA MET A 146 -0.37 -12.99 -1.27
C MET A 146 0.54 -11.97 -0.63
N SER A 147 1.15 -11.12 -1.45
CA SER A 147 2.05 -10.08 -0.96
C SER A 147 1.37 -9.07 -0.02
N PRO A 148 0.19 -8.54 -0.40
CA PRO A 148 -0.55 -7.68 0.52
C PRO A 148 -0.83 -8.32 1.88
N VAL A 149 -1.15 -9.62 1.89
CA VAL A 149 -1.35 -10.36 3.14
C VAL A 149 -0.09 -10.37 4.01
N THR A 150 1.05 -10.66 3.40
CA THR A 150 2.33 -10.67 4.10
C THR A 150 2.70 -9.26 4.58
N MET A 151 2.50 -8.25 3.72
CA MET A 151 2.74 -6.86 4.13
C MET A 151 1.91 -6.54 5.37
N THR A 152 0.62 -6.90 5.32
CA THR A 152 -0.32 -6.63 6.40
C THR A 152 0.13 -7.28 7.69
N ASN A 153 0.65 -8.52 7.59
CA ASN A 153 1.05 -9.29 8.77
C ASN A 153 2.35 -8.79 9.39
N ILE A 154 3.35 -8.54 8.54
CA ILE A 154 4.61 -7.91 8.95
C ILE A 154 4.35 -6.58 9.67
N CYS A 155 3.43 -5.77 9.13
CA CYS A 155 3.07 -4.50 9.74
C CYS A 155 2.32 -4.66 11.06
N ILE A 156 1.36 -5.57 11.11
CA ILE A 156 0.61 -5.80 12.35
C ILE A 156 1.53 -6.25 13.49
N LYS A 157 2.51 -7.11 13.20
CA LYS A 157 3.50 -7.51 14.22
C LYS A 157 4.22 -6.28 14.72
N TYR A 158 4.73 -5.49 13.79
CA TYR A 158 5.38 -4.24 14.09
C TYR A 158 4.48 -3.31 14.91
N MET A 159 3.25 -3.12 14.46
CA MET A 159 2.33 -2.17 15.10
C MET A 159 1.97 -2.55 16.54
N MET A 160 1.74 -3.84 16.76
CA MET A 160 1.46 -4.34 18.09
C MET A 160 2.65 -4.19 19.03
N LYS A 161 3.86 -4.52 18.54
CA LYS A 161 5.07 -4.41 19.38
C LYS A 161 5.40 -2.95 19.71
N SER A 162 5.25 -2.08 18.73
CA SER A 162 5.41 -0.63 18.92
C SER A 162 4.41 -0.06 19.94
N GLN A 163 3.20 -0.61 19.97
CA GLN A 163 2.17 -0.17 20.92
C GLN A 163 2.53 -0.58 22.34
N ARG A 164 3.10 -1.78 22.49
CA ARG A 164 3.52 -2.26 23.81
C ARG A 164 4.72 -1.47 24.32
N ARG A 165 5.64 -1.11 23.43
CA ARG A 165 6.88 -0.44 23.84
C ARG A 165 6.77 1.08 24.00
N TRP A 166 5.84 1.70 23.26
CA TRP A 166 5.54 3.13 23.42
C TRP A 166 4.07 3.38 23.77
N PRO A 167 3.64 2.98 24.99
CA PRO A 167 2.23 3.05 25.39
C PRO A 167 1.63 4.47 25.34
N GLU A 168 2.48 5.49 25.46
CA GLU A 168 2.06 6.89 25.36
C GLU A 168 1.37 7.23 24.05
N LEU A 169 1.67 6.48 22.99
CA LEU A 169 1.09 6.73 21.68
C LEU A 169 -0.45 6.75 21.65
N SER A 170 -1.08 5.89 22.45
CA SER A 170 -2.55 5.86 22.57
C SER A 170 -3.07 7.19 23.11
N GLY A 171 -4.17 7.68 22.54
CA GLY A 171 -4.72 9.01 22.89
C GLY A 171 -3.93 10.23 22.38
N GLN A 172 -2.71 10.00 21.92
CA GLN A 172 -1.89 11.06 21.32
C GLN A 172 -1.57 10.72 19.85
N SER A 173 -2.32 9.78 19.28
CA SER A 173 -2.09 9.30 17.92
C SER A 173 -3.38 8.76 17.28
N ALA A 174 -3.36 8.59 15.97
CA ALA A 174 -4.34 7.73 15.31
C ALA A 174 -4.01 6.30 15.71
N ARG A 175 -5.02 5.43 15.76
CA ARG A 175 -4.78 4.00 15.99
C ARG A 175 -4.06 3.44 14.75
N PRO A 176 -3.09 2.50 14.95
CA PRO A 176 -2.41 1.85 13.81
C PRO A 176 -3.42 1.35 12.78
N THR A 177 -3.24 1.76 11.53
CA THR A 177 -4.27 1.55 10.50
C THR A 177 -3.73 0.82 9.28
N ILE A 178 -4.51 -0.12 8.77
CA ILE A 178 -4.24 -0.83 7.51
C ILE A 178 -5.38 -0.52 6.55
N VAL A 179 -5.04 -0.09 5.34
CA VAL A 179 -6.04 0.18 4.32
C VAL A 179 -5.66 -0.60 3.07
N ASN A 180 -6.53 -1.54 2.70
CA ASN A 180 -6.29 -2.34 1.50
C ASN A 180 -7.20 -1.88 0.38
N ILE A 181 -6.62 -1.69 -0.80
CA ILE A 181 -7.35 -1.16 -1.93
C ILE A 181 -7.91 -2.33 -2.74
N SER A 182 -9.21 -2.54 -2.50
CA SER A 182 -10.12 -3.39 -3.25
C SER A 182 -10.74 -2.61 -4.40
N SER A 183 -11.50 -3.33 -5.23
CA SER A 183 -12.03 -2.80 -6.49
C SER A 183 -13.53 -3.08 -6.58
N ILE A 184 -14.28 -2.19 -7.23
CA ILE A 184 -15.72 -2.39 -7.42
C ILE A 184 -16.01 -3.77 -8.01
N LEU A 185 -15.08 -4.26 -8.83
CA LEU A 185 -15.13 -5.60 -9.45
C LEU A 185 -15.15 -6.79 -8.49
N HIS A 186 -14.72 -6.58 -7.26
CA HIS A 186 -14.66 -7.65 -6.27
C HIS A 186 -16.03 -8.31 -5.95
N SER A 187 -17.14 -7.60 -6.24
CA SER A 187 -18.49 -8.12 -5.98
C SER A 187 -19.61 -7.40 -6.72
N GLY A 188 -20.79 -8.02 -6.69
CA GLY A 188 -22.01 -7.42 -7.26
C GLY A 188 -22.06 -7.42 -8.77
N LYS A 189 -22.78 -6.43 -9.30
CA LYS A 189 -23.19 -6.34 -10.70
C LYS A 189 -22.06 -6.41 -11.73
N MET A 190 -20.91 -5.85 -11.36
CA MET A 190 -19.81 -5.66 -12.30
C MET A 190 -19.00 -6.95 -12.47
N LYS A 191 -19.51 -7.84 -13.32
CA LYS A 191 -18.84 -9.08 -13.61
C LYS A 191 -18.32 -8.95 -15.02
N VAL A 192 -17.05 -8.57 -15.12
CA VAL A 192 -16.47 -8.16 -16.39
C VAL A 192 -15.59 -9.27 -16.98
N PRO A 193 -15.95 -9.78 -18.17
CA PRO A 193 -15.12 -10.74 -18.89
C PRO A 193 -13.71 -10.25 -19.10
N GLY A 194 -12.75 -11.15 -18.94
CA GLY A 194 -11.33 -10.81 -19.04
C GLY A 194 -10.67 -10.62 -17.68
N THR A 195 -11.49 -10.54 -16.63
CA THR A 195 -10.99 -10.14 -15.31
C THR A 195 -11.29 -11.14 -14.18
N SER A 196 -11.47 -12.41 -14.51
CA SER A 196 -11.92 -13.42 -13.52
C SER A 196 -10.98 -13.61 -12.32
N VAL A 197 -9.68 -13.71 -12.58
CA VAL A 197 -8.68 -13.87 -11.52
C VAL A 197 -8.34 -12.52 -10.84
N TYR A 198 -8.26 -11.46 -11.64
CA TYR A 198 -8.16 -10.11 -11.08
C TYR A 198 -9.25 -9.87 -10.04
N SER A 199 -10.50 -10.10 -10.43
CA SER A 199 -11.65 -9.81 -9.56
C SER A 199 -11.62 -10.71 -8.30
N ALA A 200 -11.25 -11.96 -8.50
CA ALA A 200 -11.14 -12.93 -7.42
C ALA A 200 -10.10 -12.48 -6.41
N SER A 201 -8.92 -12.08 -6.90
CA SER A 201 -7.86 -11.57 -6.04
C SER A 201 -8.37 -10.36 -5.27
N LYS A 202 -9.11 -9.49 -5.96
CA LYS A 202 -9.75 -8.38 -5.25
C LYS A 202 -10.80 -8.84 -4.23
N ALA A 203 -11.60 -9.84 -4.61
CA ALA A 203 -12.53 -10.49 -3.67
C ALA A 203 -11.82 -11.07 -2.45
N ALA A 204 -10.71 -11.77 -2.68
CA ALA A 204 -9.88 -12.32 -1.60
C ALA A 204 -9.34 -11.25 -0.67
N LEU A 205 -8.74 -10.20 -1.23
CA LEU A 205 -8.21 -9.11 -0.42
C LEU A 205 -9.32 -8.44 0.41
N SER A 206 -10.47 -8.17 -0.20
CA SER A 206 -11.62 -7.58 0.54
C SER A 206 -12.06 -8.44 1.69
N ARG A 207 -12.24 -9.74 1.41
CA ARG A 207 -12.78 -10.65 2.40
C ARG A 207 -11.78 -10.92 3.52
N PHE A 208 -10.52 -11.16 3.15
CA PHE A 208 -9.41 -11.24 4.11
C PHE A 208 -9.43 -10.06 5.08
N THR A 209 -9.60 -8.85 4.57
CA THR A 209 -9.56 -7.63 5.39
C THR A 209 -10.76 -7.54 6.33
N GLU A 210 -11.94 -7.93 5.87
CA GLU A 210 -13.14 -7.96 6.73
C GLU A 210 -13.00 -8.91 7.91
N VAL A 211 -12.32 -10.04 7.68
CA VAL A 211 -12.14 -11.04 8.74
C VAL A 211 -10.99 -10.60 9.65
N LEU A 212 -9.90 -10.12 9.06
CA LEU A 212 -8.81 -9.48 9.80
C LEU A 212 -9.30 -8.35 10.73
N ALA A 213 -10.18 -7.49 10.23
CA ALA A 213 -10.75 -6.41 11.06
C ALA A 213 -11.44 -6.95 12.30
N ALA A 214 -12.10 -8.10 12.18
CA ALA A 214 -12.73 -8.77 13.31
C ALA A 214 -11.69 -9.33 14.28
N GLU A 215 -10.57 -9.79 13.75
CA GLU A 215 -9.44 -10.22 14.58
C GLU A 215 -8.76 -9.02 15.24
N MET A 216 -8.63 -7.92 14.48
CA MET A 216 -7.76 -6.79 14.88
C MET A 216 -8.43 -5.70 15.72
N GLU A 217 -9.69 -5.38 15.41
CA GLU A 217 -10.44 -4.32 16.13
C GLU A 217 -10.33 -4.40 17.66
N PRO A 218 -10.48 -5.59 18.27
CA PRO A 218 -10.26 -5.76 19.72
C PRO A 218 -8.81 -5.59 20.18
N ARG A 219 -7.87 -5.66 19.24
CA ARG A 219 -6.46 -5.44 19.55
C ARG A 219 -6.06 -4.00 19.17
N ASN A 220 -7.06 -3.19 18.81
CA ASN A 220 -6.89 -1.78 18.43
C ASN A 220 -6.01 -1.47 17.20
N ILE A 221 -6.03 -2.37 16.23
CA ILE A 221 -5.56 -2.07 14.88
C ILE A 221 -6.79 -1.94 13.98
N ARG A 222 -6.91 -0.81 13.29
CA ARG A 222 -8.05 -0.60 12.39
C ARG A 222 -7.69 -1.11 11.00
N CYS A 223 -8.60 -1.87 10.39
CA CYS A 223 -8.39 -2.48 9.08
C CYS A 223 -9.56 -2.17 8.17
N PHE A 224 -9.27 -1.42 7.11
CA PHE A 224 -10.28 -0.95 6.22
C PHE A 224 -9.98 -1.44 4.83
N THR A 225 -11.03 -1.46 4.01
CA THR A 225 -10.91 -1.68 2.59
C THR A 225 -11.58 -0.52 1.85
N ILE A 226 -11.02 -0.15 0.70
CA ILE A 226 -11.64 0.84 -0.18
C ILE A 226 -11.91 0.17 -1.52
N SER A 227 -13.08 0.44 -2.07
CA SER A 227 -13.51 -0.23 -3.28
C SER A 227 -13.90 0.75 -4.41
N PRO A 228 -12.89 1.25 -5.18
CA PRO A 228 -13.05 2.24 -6.25
C PRO A 228 -13.39 1.61 -7.60
N GLY A 229 -13.52 2.40 -8.68
CA GLY A 229 -13.70 1.79 -10.00
C GLY A 229 -13.70 2.52 -11.34
N LEU A 230 -12.68 3.33 -11.63
CA LEU A 230 -12.53 3.96 -12.97
C LEU A 230 -11.22 4.71 -13.27
N VAL A 231 -11.01 4.99 -14.57
CA VAL A 231 -9.80 5.65 -15.05
C VAL A 231 -10.15 6.91 -15.85
N GLN A 238 -7.39 -0.78 -18.70
CA GLN A 238 -8.75 -1.28 -18.88
C GLN A 238 -9.75 -0.14 -19.16
N ASN A 239 -10.57 -0.26 -20.21
CA ASN A 239 -10.59 -1.41 -21.12
C ASN A 239 -9.48 -1.32 -22.19
N LEU A 240 -9.40 -2.28 -23.12
CA LEU A 240 -10.32 -3.41 -23.24
C LEU A 240 -9.75 -4.68 -22.63
N PRO A 241 -10.60 -5.44 -21.91
CA PRO A 241 -10.26 -6.77 -21.45
C PRO A 241 -11.02 -7.85 -22.24
N ALA A 244 -16.59 -9.19 -25.88
CA ALA A 244 -17.54 -9.61 -24.86
C ALA A 244 -17.58 -8.61 -23.70
N LYS A 245 -16.42 -8.07 -23.36
CA LYS A 245 -16.23 -7.26 -22.15
C LYS A 245 -16.72 -5.81 -22.27
N GLU A 246 -16.55 -5.21 -23.45
CA GLU A 246 -16.97 -3.83 -23.70
C GLU A 246 -18.49 -3.66 -23.58
N MET A 247 -19.22 -4.75 -23.81
CA MET A 247 -20.67 -4.79 -23.72
C MET A 247 -21.22 -4.51 -22.30
N LEU A 248 -20.51 -4.97 -21.27
CA LEU A 248 -20.91 -4.73 -19.87
C LEU A 248 -20.34 -3.42 -19.33
N GLU A 249 -19.07 -3.17 -19.62
CA GLU A 249 -18.36 -1.96 -19.18
C GLU A 249 -19.03 -0.69 -19.69
N ARG A 250 -19.64 -0.76 -20.87
CA ARG A 250 -20.44 0.34 -21.42
C ARG A 250 -21.86 0.36 -20.85
N THR A 251 -22.47 -0.83 -20.70
CA THR A 251 -23.82 -0.98 -20.15
C THR A 251 -23.97 -0.42 -18.74
N ILE A 252 -22.90 -0.50 -17.94
CA ILE A 252 -22.88 0.10 -16.60
C ILE A 252 -21.56 0.81 -16.35
N GLY A 256 -20.39 3.29 -10.35
CA GLY A 256 -19.85 4.33 -11.24
C GLY A 256 -18.34 4.45 -11.23
N THR A 257 -17.85 5.68 -11.45
CA THR A 257 -16.42 5.97 -11.63
C THR A 257 -15.69 6.37 -10.34
N SER A 258 -14.35 6.46 -10.42
CA SER A 258 -13.52 6.93 -9.29
C SER A 258 -12.28 7.72 -9.75
N ALA A 259 -12.02 8.83 -9.05
CA ALA A 259 -10.81 9.62 -9.27
C ALA A 259 -9.72 9.27 -8.25
N PRO A 260 -8.44 9.20 -8.68
CA PRO A 260 -7.32 8.92 -7.78
C PRO A 260 -7.24 9.96 -6.65
N ALA A 261 -7.54 11.21 -6.99
CA ALA A 261 -7.63 12.30 -6.00
C ALA A 261 -8.74 12.02 -4.99
N GLU A 262 -9.86 11.48 -5.46
CA GLU A 262 -10.98 11.15 -4.57
C GLU A 262 -10.63 10.03 -3.61
N ILE A 263 -9.85 9.05 -4.09
CA ILE A 263 -9.45 7.90 -3.29
C ILE A 263 -8.39 8.27 -2.25
N ALA A 264 -7.44 9.12 -2.65
CA ALA A 264 -6.44 9.67 -1.72
C ALA A 264 -7.11 10.35 -0.53
N GLU A 265 -8.13 11.15 -0.82
CA GLU A 265 -8.95 11.82 0.19
C GLU A 265 -9.68 10.86 1.11
N GLU A 266 -10.23 9.78 0.55
CA GLU A 266 -10.94 8.79 1.35
C GLU A 266 -9.99 8.05 2.28
N VAL A 267 -8.77 7.79 1.81
CA VAL A 267 -7.76 7.14 2.63
C VAL A 267 -7.40 8.01 3.83
N TRP A 268 -7.29 9.33 3.58
CA TRP A 268 -6.95 10.25 4.64
C TRP A 268 -8.10 10.36 5.63
N SER A 269 -9.32 10.44 5.09
CA SER A 269 -10.54 10.43 5.90
C SER A 269 -10.55 9.28 6.88
N LEU A 270 -10.21 8.09 6.39
CA LEU A 270 -10.25 6.86 7.18
C LEU A 270 -9.22 6.87 8.30
N TYR A 271 -8.03 7.37 7.99
CA TYR A 271 -6.97 7.46 8.97
C TYR A 271 -7.20 8.56 10.01
N SER A 272 -7.51 9.77 9.55
CA SER A 272 -7.59 10.93 10.43
C SER A 272 -8.89 11.00 11.23
N ARG A 273 -9.99 10.59 10.61
CA ARG A 273 -11.29 10.61 11.29
C ARG A 273 -11.67 9.20 11.71
#